data_5UBC
#
_entry.id   5UBC
#
_cell.length_a   92.368
_cell.length_b   50.453
_cell.length_c   94.802
_cell.angle_alpha   90.00
_cell.angle_beta   115.56
_cell.angle_gamma   90.00
#
_symmetry.space_group_name_H-M   'P 1 21 1'
#
_entity_poly.entity_id   1
_entity_poly.type   'polypeptide(L)'
_entity_poly.pdbx_seq_one_letter_code
;GA(MSE)GSDEEQSPDWDSHGLPANIVVQLNKLSGFKKYKVSDI(MSE)FFDRRRQTTIGTEDSFFE(MSE)VSIRPGGV
YTKAQLQKELETLATCG(MSE)FEKVDLEGKTKPDGTLGVTISFAESTWQSADRFRCINVGL(MSE)VQSKPIE(MSE)D
SD(MSE)TDKEKLEYYRSLEKDYKRRIDRARPCLLPAPVYGEV(MSE)Q(MSE)LRDQGKVSARLLQRIRDRVQKWYHDE
GYACAQVVNFGNLNTKEVVCEVVEGDITQLVIQFQDKLGNVVEGNTQVPVVRRELPKQLRQGYVFNIEAGKKALSNINSL
GLFSNIEVNPRPDEKNEGGIIVEIKLKELE
;
_entity_poly.pdbx_strand_id   A,B
#
# COMPACT_ATOMS: atom_id res chain seq x y z
N SER A 15 10.31 -25.31 12.12
CA SER A 15 10.49 -25.47 10.68
C SER A 15 11.44 -24.42 10.14
N HIS A 16 12.25 -23.86 11.04
CA HIS A 16 13.31 -22.90 10.70
C HIS A 16 13.97 -22.43 11.99
N GLY A 17 15.19 -21.89 11.89
CA GLY A 17 15.75 -21.18 13.02
C GLY A 17 16.25 -22.09 14.12
N LEU A 18 16.90 -21.52 15.11
CA LEU A 18 17.48 -22.31 16.18
C LEU A 18 17.61 -21.53 17.51
N PRO A 19 18.00 -22.22 18.60
CA PRO A 19 18.24 -21.66 19.93
C PRO A 19 19.46 -20.74 20.02
N ALA A 20 19.52 -19.97 21.09
CA ALA A 20 20.62 -19.05 21.39
C ALA A 20 21.79 -19.78 22.02
N ASN A 21 21.68 -21.12 22.10
CA ASN A 21 22.81 -21.95 22.49
C ASN A 21 23.33 -21.71 23.90
N ILE A 22 22.67 -22.30 24.90
CA ILE A 22 21.58 -23.26 24.69
C ILE A 22 20.41 -23.00 25.63
N VAL A 23 20.64 -23.24 26.92
CA VAL A 23 19.59 -23.17 27.92
C VAL A 23 19.44 -21.74 28.42
N VAL A 24 20.15 -20.82 27.79
CA VAL A 24 19.97 -19.39 28.01
C VAL A 24 18.51 -19.01 27.75
N GLN A 25 17.99 -18.06 28.52
CA GLN A 25 16.60 -17.63 28.31
C GLN A 25 16.58 -16.29 27.56
N LEU A 26 16.20 -16.35 26.29
CA LEU A 26 16.13 -15.17 25.43
C LEU A 26 14.86 -14.38 25.67
N ASN A 27 14.91 -13.08 25.39
CA ASN A 27 13.72 -12.27 25.49
C ASN A 27 13.10 -12.09 24.11
N LYS A 28 12.04 -11.31 24.04
CA LYS A 28 11.24 -11.24 22.83
C LYS A 28 11.89 -10.52 21.66
N LEU A 29 13.08 -9.94 21.84
CA LEU A 29 13.69 -9.25 20.71
C LEU A 29 14.75 -10.08 20.00
N SER A 30 14.40 -10.60 18.81
CA SER A 30 15.31 -11.30 17.90
C SER A 30 14.64 -11.89 16.64
N GLY A 31 15.45 -12.08 15.61
CA GLY A 31 15.17 -12.90 14.44
C GLY A 31 14.35 -12.41 13.25
N PHE A 32 14.78 -12.89 12.08
CA PHE A 32 14.08 -12.72 10.80
C PHE A 32 13.35 -13.98 10.32
N LYS A 33 13.34 -15.03 11.12
CA LYS A 33 12.77 -16.29 10.67
C LYS A 33 11.76 -16.89 11.64
N LYS A 34 11.08 -17.93 11.17
CA LYS A 34 9.98 -18.52 11.91
C LYS A 34 10.42 -19.63 12.86
N TYR A 35 10.34 -19.34 14.15
CA TYR A 35 10.71 -20.27 15.20
C TYR A 35 9.63 -21.33 15.35
N LYS A 36 10.00 -22.47 15.92
CA LYS A 36 9.02 -23.51 16.26
C LYS A 36 9.03 -23.64 17.79
N VAL A 37 7.85 -23.79 18.40
CA VAL A 37 7.77 -23.81 19.86
C VAL A 37 7.41 -25.20 20.40
N SER A 38 8.32 -25.79 21.17
CA SER A 38 8.15 -27.16 21.60
C SER A 38 7.02 -27.31 22.62
N ASP A 39 6.95 -26.40 23.58
CA ASP A 39 5.83 -26.45 24.51
C ASP A 39 5.54 -25.06 25.03
N ILE A 40 4.26 -24.82 25.32
CA ILE A 40 3.82 -23.53 25.82
C ILE A 40 3.50 -23.66 27.30
N MSE A 41 3.98 -22.72 28.09
CA MSE A 41 3.59 -22.65 29.48
C MSE A 41 2.84 -21.36 29.74
O MSE A 41 3.21 -20.29 29.25
CB MSE A 41 4.80 -22.77 30.40
CG MSE A 41 5.35 -24.16 30.47
SE MSE A 41 6.78 -24.34 31.78
CE MSE A 41 7.13 -26.25 31.55
N PHE A 42 1.75 -21.50 30.47
CA PHE A 42 0.90 -20.40 30.88
C PHE A 42 1.00 -20.32 32.40
N PHE A 43 1.65 -19.29 32.92
CA PHE A 43 1.96 -19.26 34.34
C PHE A 43 1.20 -18.13 35.06
N ASP A 44 0.62 -18.46 36.20
CA ASP A 44 -0.12 -17.51 37.01
C ASP A 44 0.74 -17.05 38.19
N ARG A 45 1.18 -15.80 38.17
CA ARG A 45 2.12 -15.31 39.17
C ARG A 45 1.53 -15.30 40.58
N ARG A 46 0.29 -14.87 40.75
CA ARG A 46 -0.26 -14.75 42.09
C ARG A 46 -0.56 -16.11 42.72
N ARG A 47 -1.12 -17.02 41.94
CA ARG A 47 -1.52 -18.34 42.44
C ARG A 47 -0.35 -19.32 42.39
N GLN A 48 0.72 -18.89 41.72
CA GLN A 48 1.95 -19.67 41.58
C GLN A 48 1.72 -21.08 41.01
N THR A 49 0.70 -21.21 40.17
CA THR A 49 0.43 -22.47 39.50
C THR A 49 0.62 -22.34 37.99
N THR A 50 0.44 -23.45 37.29
CA THR A 50 0.53 -23.47 35.83
C THR A 50 -0.80 -23.93 35.26
N ILE A 51 -1.19 -23.34 34.14
CA ILE A 51 -2.46 -23.65 33.50
C ILE A 51 -2.31 -24.89 32.63
N GLY A 52 -3.11 -25.91 32.92
CA GLY A 52 -3.04 -27.17 32.21
C GLY A 52 -3.55 -27.01 30.78
N THR A 53 -3.14 -27.92 29.90
CA THR A 53 -3.52 -27.81 28.49
C THR A 53 -5.01 -28.06 28.25
N GLU A 54 -5.66 -28.70 29.23
CA GLU A 54 -7.09 -28.97 29.17
C GLU A 54 -7.98 -27.98 29.95
N ASP A 55 -7.38 -26.96 30.53
CA ASP A 55 -8.08 -26.04 31.46
C ASP A 55 -9.08 -25.11 30.76
N SER A 56 -8.96 -24.97 29.44
CA SER A 56 -9.83 -24.12 28.61
C SER A 56 -9.68 -22.63 28.93
N PHE A 57 -8.95 -22.32 30.00
CA PHE A 57 -8.46 -20.97 30.25
C PHE A 57 -7.15 -20.86 29.48
N PHE A 58 -6.71 -21.99 28.96
CA PHE A 58 -5.51 -22.05 28.14
C PHE A 58 -5.79 -21.48 26.76
N GLU A 59 -7.06 -21.35 26.41
CA GLU A 59 -7.42 -20.86 25.08
C GLU A 59 -7.28 -19.35 24.99
N MSE A 60 -6.84 -18.74 26.10
CA MSE A 60 -6.39 -17.37 26.05
C MSE A 60 -5.18 -17.25 25.12
O MSE A 60 -4.91 -16.18 24.56
CB MSE A 60 -6.04 -16.88 27.45
CG MSE A 60 -7.23 -16.77 28.39
SE MSE A 60 -8.55 -15.45 27.82
CE MSE A 60 -7.34 -13.93 27.54
N VAL A 61 -4.47 -18.37 24.95
CA VAL A 61 -3.28 -18.47 24.12
C VAL A 61 -3.57 -19.09 22.75
N SER A 62 -3.29 -18.34 21.69
CA SER A 62 -3.50 -18.81 20.32
C SER A 62 -2.32 -19.62 19.80
N ILE A 63 -1.32 -19.74 20.66
CA ILE A 63 -0.06 -20.41 20.33
C ILE A 63 -0.08 -21.85 20.80
N ARG A 64 0.10 -22.78 19.88
CA ARG A 64 0.06 -24.20 20.21
C ARG A 64 1.45 -24.81 20.03
N PRO A 65 1.73 -25.92 20.75
CA PRO A 65 3.03 -26.57 20.60
C PRO A 65 3.25 -27.09 19.17
N GLY A 66 4.49 -27.04 18.70
CA GLY A 66 4.83 -27.53 17.38
C GLY A 66 4.49 -26.58 16.25
N GLY A 67 3.97 -25.41 16.59
CA GLY A 67 3.60 -24.41 15.61
C GLY A 67 4.75 -23.51 15.22
N VAL A 68 4.63 -22.83 14.09
CA VAL A 68 5.69 -21.92 13.67
C VAL A 68 5.20 -20.48 13.62
N TYR A 69 5.95 -19.60 14.27
CA TYR A 69 5.59 -18.20 14.40
C TYR A 69 6.80 -17.30 14.22
N THR A 70 6.61 -16.21 13.49
CA THR A 70 7.67 -15.23 13.30
C THR A 70 7.86 -14.42 14.58
N LYS A 71 8.78 -13.46 14.55
CA LYS A 71 8.96 -12.59 15.71
C LYS A 71 7.74 -11.69 15.87
N ALA A 72 7.25 -11.19 14.74
CA ALA A 72 6.10 -10.29 14.70
C ALA A 72 4.84 -10.94 15.25
N GLN A 73 4.71 -12.26 15.05
CA GLN A 73 3.49 -12.95 15.46
C GLN A 73 3.43 -13.19 16.97
N LEU A 74 4.56 -13.52 17.57
CA LEU A 74 4.60 -13.71 19.01
C LEU A 74 4.38 -12.38 19.73
N GLN A 75 4.68 -11.29 19.03
CA GLN A 75 4.57 -9.96 19.61
C GLN A 75 3.10 -9.51 19.62
N LYS A 76 2.34 -9.94 18.61
CA LYS A 76 0.92 -9.62 18.56
C LYS A 76 0.19 -10.42 19.65
N GLU A 77 0.67 -11.62 19.90
CA GLU A 77 0.08 -12.45 20.96
C GLU A 77 0.24 -11.79 22.31
N LEU A 78 1.47 -11.35 22.61
CA LEU A 78 1.74 -10.64 23.85
C LEU A 78 0.95 -9.33 23.93
N GLU A 79 0.69 -8.73 22.78
CA GLU A 79 -0.06 -7.49 22.73
C GLU A 79 -1.55 -7.74 22.99
N THR A 80 -2.03 -8.88 22.51
CA THR A 80 -3.43 -9.24 22.65
C THR A 80 -3.73 -9.62 24.10
N LEU A 81 -2.76 -10.25 24.76
CA LEU A 81 -2.93 -10.64 26.14
C LEU A 81 -2.83 -9.42 27.05
N ALA A 82 -2.00 -8.46 26.65
CA ALA A 82 -1.74 -7.28 27.47
C ALA A 82 -2.86 -6.25 27.42
N THR A 83 -3.49 -6.13 26.25
CA THR A 83 -4.47 -5.07 26.04
C THR A 83 -5.93 -5.47 26.27
N CYS A 84 -6.16 -6.74 26.65
CA CYS A 84 -7.52 -7.24 26.83
C CYS A 84 -8.11 -6.87 28.19
N GLY A 85 -7.25 -6.54 29.15
CA GLY A 85 -7.67 -6.03 30.44
C GLY A 85 -7.80 -7.04 31.55
N MSE A 86 -7.41 -8.27 31.30
CA MSE A 86 -7.56 -9.34 32.29
C MSE A 86 -6.34 -9.47 33.19
O MSE A 86 -6.36 -10.20 34.19
CB MSE A 86 -7.83 -10.67 31.59
CG MSE A 86 -9.13 -10.66 30.79
SE MSE A 86 -9.60 -12.39 29.97
CE MSE A 86 -11.00 -11.81 28.75
N PHE A 87 -5.28 -8.74 32.87
CA PHE A 87 -4.02 -8.81 33.60
C PHE A 87 -3.41 -7.42 33.74
N GLU A 88 -2.88 -7.08 34.91
CA GLU A 88 -2.19 -5.80 35.04
C GLU A 88 -0.71 -6.00 34.78
N LYS A 89 -0.30 -7.26 34.74
CA LYS A 89 1.02 -7.60 34.26
C LYS A 89 0.89 -8.90 33.50
N VAL A 90 1.36 -8.90 32.26
CA VAL A 90 1.49 -10.14 31.52
C VAL A 90 2.75 -10.09 30.68
N ASP A 91 3.57 -11.11 30.83
CA ASP A 91 4.84 -11.18 30.13
C ASP A 91 4.95 -12.41 29.28
N LEU A 92 5.82 -12.33 28.27
CA LEU A 92 6.12 -13.46 27.42
C LEU A 92 7.63 -13.59 27.35
N GLU A 93 8.13 -14.75 27.76
CA GLU A 93 9.56 -15.00 27.79
C GLU A 93 9.78 -16.34 27.09
N GLY A 94 11.03 -16.68 26.84
CA GLY A 94 11.31 -18.02 26.35
C GLY A 94 12.68 -18.50 26.75
N LYS A 95 12.78 -19.83 26.85
CA LYS A 95 14.06 -20.46 27.12
C LYS A 95 14.37 -21.26 25.87
N THR A 96 15.54 -21.04 25.32
CA THR A 96 15.92 -21.77 24.13
C THR A 96 16.18 -23.23 24.54
N LYS A 97 15.56 -24.16 23.83
CA LYS A 97 15.77 -25.58 24.10
C LYS A 97 16.89 -26.11 23.23
N PRO A 98 17.61 -27.17 23.69
CA PRO A 98 18.82 -27.64 23.01
C PRO A 98 18.67 -27.90 21.52
N ASP A 99 17.65 -28.66 21.11
CA ASP A 99 17.37 -28.77 19.68
C ASP A 99 15.92 -29.09 19.39
N GLY A 100 15.39 -28.48 18.35
CA GLY A 100 16.02 -27.31 17.74
C GLY A 100 15.17 -26.10 18.03
N THR A 101 14.24 -26.28 18.97
CA THR A 101 13.18 -25.32 19.26
C THR A 101 13.43 -24.52 20.53
N LEU A 102 12.45 -23.71 20.93
CA LEU A 102 12.50 -22.99 22.20
C LEU A 102 11.12 -22.99 22.86
N GLY A 103 11.08 -23.18 24.17
CA GLY A 103 9.82 -23.13 24.89
C GLY A 103 9.58 -21.72 25.36
N VAL A 104 8.31 -21.36 25.53
CA VAL A 104 7.97 -20.03 25.97
C VAL A 104 7.18 -20.08 27.27
N THR A 105 7.28 -19.04 28.08
CA THR A 105 6.49 -18.98 29.29
C THR A 105 5.69 -17.68 29.29
N ILE A 106 4.38 -17.80 29.27
CA ILE A 106 3.55 -16.62 29.40
C ILE A 106 3.06 -16.55 30.83
N SER A 107 3.60 -15.59 31.57
CA SER A 107 3.19 -15.40 32.94
C SER A 107 2.22 -14.22 33.02
N PHE A 108 1.57 -14.06 34.16
CA PHE A 108 0.57 -13.00 34.30
C PHE A 108 0.08 -12.84 35.72
N ALA A 109 -0.55 -11.71 35.97
CA ALA A 109 -1.20 -11.44 37.24
C ALA A 109 -2.59 -10.93 36.94
N GLU A 110 -3.62 -11.65 37.38
CA GLU A 110 -4.99 -11.24 37.08
C GLU A 110 -5.24 -9.82 37.57
N SER A 111 -6.05 -9.08 36.82
CA SER A 111 -6.41 -7.74 37.23
C SER A 111 -7.24 -7.79 38.50
N THR A 112 -7.19 -6.71 39.28
CA THR A 112 -7.88 -6.65 40.55
C THR A 112 -9.34 -6.22 40.34
N TRP A 113 -10.27 -7.06 40.79
CA TRP A 113 -11.70 -6.82 40.58
C TRP A 113 -12.53 -6.94 41.86
N GLN A 114 -13.77 -6.46 41.77
CA GLN A 114 -14.77 -6.49 42.84
C GLN A 114 -16.00 -7.17 42.27
N SER A 115 -17.14 -7.10 42.95
CA SER A 115 -18.35 -7.56 42.29
C SER A 115 -18.74 -6.52 41.24
N ALA A 116 -19.72 -6.86 40.40
CA ALA A 116 -20.22 -5.93 39.38
C ALA A 116 -21.73 -6.06 39.20
N ASP A 117 -22.46 -4.97 39.39
CA ASP A 117 -23.90 -4.99 39.13
C ASP A 117 -24.29 -4.33 37.80
N ARG A 118 -23.32 -3.92 37.01
CA ARG A 118 -23.64 -3.31 35.72
C ARG A 118 -22.64 -3.79 34.66
N PHE A 119 -23.16 -4.19 33.50
CA PHE A 119 -22.33 -4.61 32.37
C PHE A 119 -22.46 -3.70 31.15
N ARG A 120 -21.44 -2.90 30.91
CA ARG A 120 -21.55 -1.89 29.88
C ARG A 120 -20.77 -2.29 28.65
N CYS A 121 -21.39 -2.08 27.50
CA CYS A 121 -20.76 -2.37 26.23
C CYS A 121 -20.63 -1.09 25.41
N ILE A 122 -19.40 -0.71 25.09
CA ILE A 122 -19.20 0.49 24.29
C ILE A 122 -18.44 0.16 23.01
N ASN A 123 -18.80 0.86 21.95
CA ASN A 123 -18.21 0.58 20.65
C ASN A 123 -17.01 1.50 20.37
N VAL A 124 -15.82 0.92 20.43
CA VAL A 124 -14.57 1.66 20.31
C VAL A 124 -14.01 1.59 18.91
N GLY A 125 -14.81 1.04 18.01
CA GLY A 125 -14.45 0.94 16.61
C GLY A 125 -14.06 2.30 16.06
N LEU A 126 -12.91 2.33 15.40
CA LEU A 126 -12.32 3.52 14.78
C LEU A 126 -11.70 4.52 15.75
N MSE A 127 -11.86 4.35 17.06
CA MSE A 127 -11.12 5.25 17.95
C MSE A 127 -9.94 4.56 18.61
O MSE A 127 -9.77 3.34 18.49
CB MSE A 127 -12.05 5.84 19.01
CG MSE A 127 -12.64 4.84 19.99
SE MSE A 127 -14.00 5.64 21.14
CE MSE A 127 -15.27 6.15 19.75
N VAL A 128 -9.13 5.33 19.33
CA VAL A 128 -7.86 4.82 19.85
C VAL A 128 -8.08 3.68 20.85
N GLN A 129 -7.26 2.64 20.73
CA GLN A 129 -7.39 1.49 21.60
C GLN A 129 -6.77 1.73 22.97
N SER A 130 -7.29 1.03 23.97
CA SER A 130 -6.70 1.10 25.30
C SER A 130 -5.44 0.23 25.35
N LYS A 131 -4.34 0.89 25.64
CA LYS A 131 -3.07 0.22 25.94
C LYS A 131 -2.87 0.31 27.45
N PRO A 132 -2.38 -0.76 28.08
CA PRO A 132 -2.26 -0.85 29.53
C PRO A 132 -1.63 0.39 30.16
N ILE A 133 -0.58 0.93 29.53
CA ILE A 133 -0.05 2.25 29.87
C ILE A 133 0.15 2.49 31.37
N GLU A 134 0.82 1.56 32.04
CA GLU A 134 1.11 1.74 33.46
C GLU A 134 2.18 2.79 33.66
N MSE A 135 1.85 3.84 34.40
CA MSE A 135 2.74 4.98 34.58
C MSE A 135 3.66 4.79 35.78
O MSE A 135 3.68 3.73 36.41
CB MSE A 135 1.93 6.28 34.74
N ASP A 136 4.42 5.84 36.09
CA ASP A 136 5.44 5.81 37.14
C ASP A 136 4.92 5.39 38.51
N SER A 137 5.72 4.58 39.20
CA SER A 137 5.38 4.13 40.55
C SER A 137 6.22 4.90 41.55
N ASP A 138 5.60 5.31 42.65
CA ASP A 138 6.21 6.25 43.60
C ASP A 138 6.80 7.50 42.92
N MSE A 139 5.99 8.47 42.43
CA MSE A 139 4.51 8.56 42.44
C MSE A 139 3.90 8.44 43.85
O MSE A 139 3.33 7.41 44.20
CB MSE A 139 3.88 7.53 41.50
N THR A 140 4.02 9.50 44.63
CA THR A 140 3.84 9.43 46.07
C THR A 140 2.40 9.15 46.50
N ASP A 141 2.16 9.23 47.81
CA ASP A 141 0.88 8.84 48.40
C ASP A 141 -0.30 9.63 47.87
N LYS A 142 -0.33 10.93 48.17
CA LYS A 142 -1.43 11.79 47.76
C LYS A 142 -1.44 12.05 46.25
N GLU A 143 -0.29 11.89 45.60
CA GLU A 143 -0.21 12.12 44.17
C GLU A 143 -0.80 10.94 43.39
N LYS A 144 -0.55 9.72 43.87
CA LYS A 144 -1.09 8.52 43.25
C LYS A 144 -2.62 8.52 43.38
N LEU A 145 -3.10 8.90 44.56
CA LEU A 145 -4.53 8.98 44.84
C LEU A 145 -5.24 9.96 43.89
N GLU A 146 -4.52 10.97 43.44
CA GLU A 146 -5.09 11.88 42.44
C GLU A 146 -4.99 11.27 41.05
N TYR A 147 -3.94 10.50 40.82
CA TYR A 147 -3.69 9.88 39.52
C TYR A 147 -4.81 8.92 39.09
N TYR A 148 -5.37 8.17 40.03
CA TYR A 148 -6.48 7.29 39.69
C TYR A 148 -7.69 8.12 39.26
N ARG A 149 -7.92 9.23 39.96
CA ARG A 149 -9.02 10.13 39.59
C ARG A 149 -8.78 10.73 38.21
N SER A 150 -7.50 10.92 37.87
CA SER A 150 -7.15 11.43 36.55
C SER A 150 -7.56 10.46 35.46
N LEU A 151 -7.17 9.20 35.65
CA LEU A 151 -7.55 8.10 34.77
C LEU A 151 -9.05 8.00 34.58
N GLU A 152 -9.74 7.76 35.67
CA GLU A 152 -11.17 7.51 35.63
C GLU A 152 -11.97 8.61 34.94
N LYS A 153 -11.53 9.85 35.07
CA LYS A 153 -12.23 10.97 34.43
C LYS A 153 -12.02 10.90 32.93
N ASP A 154 -10.88 10.35 32.54
CA ASP A 154 -10.58 10.11 31.13
C ASP A 154 -11.42 8.96 30.58
N TYR A 155 -11.68 7.95 31.41
CA TYR A 155 -12.39 6.78 30.94
C TYR A 155 -13.86 7.06 30.80
N LYS A 156 -14.39 7.93 31.66
CA LYS A 156 -15.79 8.34 31.54
C LYS A 156 -15.93 9.18 30.30
N ARG A 157 -14.85 9.84 29.92
CA ARG A 157 -14.84 10.64 28.71
C ARG A 157 -14.87 9.70 27.52
N ARG A 158 -14.06 8.65 27.60
CA ARG A 158 -13.95 7.65 26.54
C ARG A 158 -15.24 6.90 26.33
N ILE A 159 -15.93 6.57 27.42
CA ILE A 159 -17.19 5.86 27.34
C ILE A 159 -18.24 6.67 26.58
N ASP A 160 -18.39 7.95 26.92
CA ASP A 160 -19.42 8.79 26.31
C ASP A 160 -18.99 9.22 24.90
N ARG A 161 -17.70 9.12 24.66
CA ARG A 161 -17.10 9.31 23.32
C ARG A 161 -17.52 8.15 22.40
N ALA A 162 -17.68 6.98 22.99
CA ALA A 162 -17.91 5.75 22.25
C ALA A 162 -19.32 5.68 21.68
N ARG A 163 -19.51 4.74 20.76
CA ARG A 163 -20.77 4.52 20.07
C ARG A 163 -21.57 3.43 20.74
N PRO A 164 -22.89 3.39 20.48
CA PRO A 164 -23.66 2.22 20.94
C PRO A 164 -23.15 0.92 20.29
N CYS A 165 -23.35 -0.21 20.93
CA CYS A 165 -23.06 -1.49 20.28
C CYS A 165 -24.35 -2.08 19.72
N LEU A 166 -24.21 -3.18 18.97
CA LEU A 166 -25.36 -3.84 18.38
C LEU A 166 -25.96 -4.92 19.30
N LEU A 167 -25.22 -5.23 20.36
CA LEU A 167 -25.60 -6.29 21.29
C LEU A 167 -27.00 -6.08 21.88
N PRO A 168 -27.89 -7.05 21.66
CA PRO A 168 -29.27 -6.98 22.11
C PRO A 168 -29.39 -7.36 23.57
N ALA A 169 -30.48 -6.93 24.20
CA ALA A 169 -30.69 -7.10 25.64
C ALA A 169 -30.49 -8.51 26.21
N PRO A 170 -31.05 -9.54 25.60
CA PRO A 170 -30.95 -10.83 26.30
C PRO A 170 -29.53 -11.23 26.66
N VAL A 171 -28.56 -10.89 25.82
CA VAL A 171 -27.16 -11.20 26.07
C VAL A 171 -26.66 -10.42 27.29
N TYR A 172 -27.14 -9.20 27.46
CA TYR A 172 -26.86 -8.43 28.68
C TYR A 172 -27.45 -9.20 29.87
N GLY A 173 -28.64 -9.76 29.66
CA GLY A 173 -29.33 -10.54 30.65
C GLY A 173 -28.52 -11.75 31.07
N GLU A 174 -27.91 -12.41 30.09
CA GLU A 174 -27.10 -13.59 30.36
C GLU A 174 -25.79 -13.26 31.03
N VAL A 175 -25.16 -12.20 30.54
CA VAL A 175 -23.86 -11.79 31.03
C VAL A 175 -23.96 -11.31 32.45
N MSE A 176 -25.08 -10.67 32.75
CA MSE A 176 -25.32 -10.14 34.09
C MSE A 176 -25.48 -11.25 35.09
O MSE A 176 -24.95 -11.18 36.21
CB MSE A 176 -26.55 -9.25 34.10
CG MSE A 176 -26.19 -7.78 34.08
SE MSE A 176 -24.83 -7.48 35.43
CE MSE A 176 -25.98 -7.30 37.01
N GLN A 177 -26.22 -12.29 34.70
CA GLN A 177 -26.44 -13.46 35.53
C GLN A 177 -25.11 -14.08 35.92
N MSE A 178 -24.22 -14.25 34.95
CA MSE A 178 -22.94 -14.89 35.20
C MSE A 178 -22.13 -14.12 36.23
O MSE A 178 -21.27 -14.70 36.91
CB MSE A 178 -22.12 -15.02 33.92
CG MSE A 178 -22.78 -15.82 32.85
SE MSE A 178 -21.73 -15.61 31.26
CE MSE A 178 -22.60 -16.98 30.15
N LEU A 179 -22.39 -12.83 36.32
CA LEU A 179 -21.75 -12.00 37.33
C LEU A 179 -22.37 -12.30 38.70
N ARG A 180 -23.70 -12.32 38.76
CA ARG A 180 -24.39 -12.62 40.00
C ARG A 180 -24.00 -14.01 40.47
N ASP A 181 -23.72 -14.90 39.52
CA ASP A 181 -23.47 -16.29 39.85
C ASP A 181 -22.09 -16.46 40.49
N GLN A 182 -21.08 -15.76 39.96
CA GLN A 182 -19.74 -15.79 40.54
C GLN A 182 -19.64 -14.86 41.71
N GLY A 183 -20.22 -13.68 41.56
CA GLY A 183 -20.17 -12.66 42.59
C GLY A 183 -18.91 -11.83 42.58
N LYS A 184 -17.84 -12.32 41.96
CA LYS A 184 -16.63 -11.54 41.85
C LYS A 184 -15.91 -11.78 40.53
N VAL A 185 -15.50 -10.71 39.87
CA VAL A 185 -14.93 -10.85 38.54
C VAL A 185 -13.51 -11.44 38.59
N SER A 186 -13.27 -12.42 37.73
CA SER A 186 -11.97 -13.01 37.59
C SER A 186 -11.65 -13.07 36.10
N ALA A 187 -10.45 -13.49 35.73
CA ALA A 187 -10.12 -13.59 34.33
C ALA A 187 -10.94 -14.70 33.70
N ARG A 188 -11.19 -15.75 34.49
CA ARG A 188 -11.95 -16.89 34.01
C ARG A 188 -13.37 -16.52 33.63
N LEU A 189 -13.95 -15.56 34.35
CA LEU A 189 -15.31 -15.14 34.05
C LEU A 189 -15.36 -14.23 32.83
N LEU A 190 -14.39 -13.34 32.71
CA LEU A 190 -14.36 -12.45 31.56
C LEU A 190 -14.22 -13.30 30.30
N GLN A 191 -13.43 -14.37 30.43
CA GLN A 191 -13.20 -15.28 29.32
C GLN A 191 -14.51 -15.84 28.80
N ARG A 192 -15.40 -16.23 29.70
CA ARG A 192 -16.69 -16.76 29.28
C ARG A 192 -17.50 -15.66 28.61
N ILE A 193 -17.47 -14.47 29.21
CA ILE A 193 -18.23 -13.32 28.73
C ILE A 193 -17.82 -12.93 27.32
N ARG A 194 -16.51 -12.94 27.08
CA ARG A 194 -15.99 -12.55 25.80
C ARG A 194 -16.48 -13.51 24.72
N ASP A 195 -16.53 -14.80 25.06
CA ASP A 195 -17.03 -15.79 24.10
C ASP A 195 -18.49 -15.60 23.86
N ARG A 196 -19.24 -15.34 24.92
CA ARG A 196 -20.70 -15.21 24.81
C ARG A 196 -21.05 -13.99 24.00
N VAL A 197 -20.38 -12.88 24.26
CA VAL A 197 -20.57 -11.66 23.46
C VAL A 197 -20.11 -11.92 22.03
N GLN A 198 -18.92 -12.47 21.86
CA GLN A 198 -18.41 -12.72 20.52
C GLN A 198 -19.24 -13.76 19.78
N LYS A 199 -19.82 -14.70 20.49
CA LYS A 199 -20.67 -15.68 19.83
C LYS A 199 -21.82 -14.95 19.16
N TRP A 200 -22.44 -14.04 19.88
CA TRP A 200 -23.62 -13.35 19.36
C TRP A 200 -23.32 -12.57 18.06
N TYR A 201 -22.21 -11.85 18.04
CA TYR A 201 -21.83 -11.06 16.86
C TYR A 201 -21.61 -11.94 15.64
N HIS A 202 -20.86 -13.03 15.83
CA HIS A 202 -20.54 -13.96 14.75
C HIS A 202 -21.77 -14.73 14.28
N ASP A 203 -22.65 -15.09 15.22
CA ASP A 203 -23.86 -15.83 14.86
C ASP A 203 -24.79 -15.00 14.00
N GLU A 204 -24.75 -13.68 14.22
CA GLU A 204 -25.64 -12.76 13.53
C GLU A 204 -25.01 -12.24 12.26
N GLY A 205 -23.80 -12.72 11.97
CA GLY A 205 -23.18 -12.41 10.69
C GLY A 205 -22.03 -11.44 10.73
N TYR A 206 -21.68 -10.93 11.92
CA TYR A 206 -20.59 -9.98 11.99
C TYR A 206 -19.30 -10.74 12.24
N ALA A 207 -18.53 -10.95 11.20
CA ALA A 207 -17.42 -11.89 11.30
C ALA A 207 -16.21 -11.22 11.92
N CYS A 208 -16.14 -9.91 11.73
CA CYS A 208 -14.95 -9.16 12.08
C CYS A 208 -15.07 -8.48 13.43
N ALA A 209 -16.18 -8.73 14.11
CA ALA A 209 -16.40 -8.20 15.44
C ALA A 209 -15.50 -8.86 16.46
N GLN A 210 -15.01 -8.07 17.41
CA GLN A 210 -14.18 -8.58 18.49
C GLN A 210 -14.29 -7.77 19.78
N VAL A 211 -14.02 -8.43 20.90
CA VAL A 211 -13.96 -7.76 22.18
C VAL A 211 -12.48 -7.43 22.42
N VAL A 212 -12.13 -6.15 22.31
CA VAL A 212 -10.72 -5.77 22.36
C VAL A 212 -10.23 -5.44 23.77
N ASN A 213 -11.15 -5.23 24.70
CA ASN A 213 -10.76 -4.86 26.06
C ASN A 213 -11.85 -5.06 27.12
N PHE A 214 -11.45 -5.15 28.38
CA PHE A 214 -12.38 -5.10 29.50
C PHE A 214 -11.98 -3.99 30.49
N GLY A 215 -12.76 -2.92 30.56
CA GLY A 215 -12.54 -1.86 31.54
C GLY A 215 -12.94 -2.13 32.98
N ASN A 216 -12.01 -1.95 33.93
CA ASN A 216 -12.37 -2.01 35.36
C ASN A 216 -12.51 -0.65 36.06
N LEU A 217 -12.26 0.46 35.35
CA LEU A 217 -12.06 1.75 36.03
C LEU A 217 -13.30 2.31 36.73
N ASN A 218 -14.49 1.95 36.23
CA ASN A 218 -15.72 2.31 36.92
C ASN A 218 -16.04 1.27 37.99
N THR A 219 -16.36 1.72 39.19
CA THR A 219 -16.63 0.81 40.31
C THR A 219 -17.88 -0.05 40.06
N LYS A 220 -17.78 -1.34 40.38
CA LYS A 220 -18.89 -2.29 40.27
C LYS A 220 -19.52 -2.31 38.87
N GLU A 221 -18.70 -2.05 37.87
CA GLU A 221 -19.19 -2.00 36.50
C GLU A 221 -18.16 -2.64 35.56
N VAL A 222 -18.59 -3.60 34.75
CA VAL A 222 -17.68 -4.15 33.75
C VAL A 222 -17.93 -3.41 32.45
N VAL A 223 -16.90 -2.76 31.92
CA VAL A 223 -17.03 -2.15 30.60
C VAL A 223 -16.41 -3.08 29.57
N CYS A 224 -17.22 -3.44 28.57
CA CYS A 224 -16.73 -4.30 27.51
C CYS A 224 -16.56 -3.45 26.24
N GLU A 225 -15.31 -3.30 25.80
CA GLU A 225 -15.01 -2.55 24.58
C GLU A 225 -15.05 -3.51 23.41
N VAL A 226 -15.90 -3.25 22.43
CA VAL A 226 -15.86 -4.02 21.19
C VAL A 226 -15.62 -3.16 19.95
N VAL A 227 -15.00 -3.77 18.96
CA VAL A 227 -14.95 -3.20 17.62
C VAL A 227 -15.79 -4.11 16.74
N GLU A 228 -16.80 -3.55 16.08
CA GLU A 228 -17.76 -4.39 15.37
C GLU A 228 -17.29 -4.71 13.96
N GLY A 229 -16.10 -4.24 13.58
CA GLY A 229 -15.60 -4.37 12.21
C GLY A 229 -16.10 -3.38 11.17
N ASP A 230 -16.01 -2.09 11.49
CA ASP A 230 -16.33 -1.00 10.55
C ASP A 230 -15.57 -1.05 9.23
N ILE A 231 -16.29 -0.84 8.12
CA ILE A 231 -15.61 -0.90 6.82
C ILE A 231 -14.93 0.43 6.49
N THR A 232 -13.61 0.41 6.38
CA THR A 232 -12.84 1.59 6.01
C THR A 232 -12.32 1.64 4.56
N GLN A 233 -12.45 0.56 3.82
CA GLN A 233 -11.75 0.43 2.54
C GLN A 233 -12.39 -0.59 1.58
N LEU A 234 -12.25 -0.38 0.28
CA LEU A 234 -12.77 -1.33 -0.72
C LEU A 234 -11.74 -1.61 -1.81
N VAL A 235 -11.48 -2.89 -2.03
CA VAL A 235 -10.45 -3.31 -2.97
C VAL A 235 -11.06 -4.25 -4.00
N ILE A 236 -10.94 -3.89 -5.28
CA ILE A 236 -11.42 -4.73 -6.36
C ILE A 236 -10.24 -5.20 -7.16
N GLN A 237 -9.92 -6.48 -7.08
CA GLN A 237 -8.70 -7.01 -7.67
C GLN A 237 -9.01 -8.03 -8.75
N PHE A 238 -8.60 -7.76 -9.98
CA PHE A 238 -8.81 -8.72 -11.08
C PHE A 238 -7.62 -9.68 -11.22
N GLN A 239 -7.90 -10.96 -11.40
CA GLN A 239 -6.85 -11.97 -11.54
C GLN A 239 -6.99 -12.82 -12.81
N ASP A 240 -5.86 -13.36 -13.28
CA ASP A 240 -5.80 -14.47 -14.28
C ASP A 240 -4.35 -14.70 -14.69
N LYS A 241 -4.02 -15.87 -15.25
CA LYS A 241 -4.80 -17.11 -15.15
C LYS A 241 -3.91 -17.96 -14.26
N LEU A 242 -4.51 -18.63 -13.25
CA LEU A 242 -3.79 -19.27 -12.14
C LEU A 242 -3.53 -18.25 -11.02
N GLY A 243 -4.04 -17.02 -11.17
CA GLY A 243 -4.01 -16.07 -10.08
C GLY A 243 -3.20 -14.78 -9.99
N ASN A 244 -2.48 -14.39 -11.04
CA ASN A 244 -1.77 -13.10 -10.97
C ASN A 244 -2.68 -11.92 -11.25
N VAL A 245 -2.39 -10.79 -10.61
CA VAL A 245 -3.22 -9.60 -10.71
C VAL A 245 -3.08 -9.00 -12.10
N VAL A 246 -4.17 -8.45 -12.62
CA VAL A 246 -4.19 -7.88 -13.97
C VAL A 246 -5.21 -6.74 -13.88
N GLU A 247 -5.18 -5.78 -14.80
CA GLU A 247 -6.08 -4.63 -14.67
C GLU A 247 -7.38 -4.89 -15.41
N GLY A 248 -8.48 -4.38 -14.85
CA GLY A 248 -9.79 -4.61 -15.43
C GLY A 248 -10.34 -3.39 -16.16
N ASN A 249 -9.43 -2.47 -16.50
CA ASN A 249 -9.74 -1.30 -17.32
C ASN A 249 -11.10 -0.63 -17.06
N THR A 250 -11.86 -0.52 -18.15
CA THR A 250 -13.16 0.13 -18.22
C THR A 250 -14.28 -0.53 -17.42
N GLN A 251 -14.02 -1.70 -16.86
CA GLN A 251 -15.07 -2.42 -16.14
C GLN A 251 -15.34 -1.95 -14.70
N VAL A 252 -14.28 -1.66 -13.94
CA VAL A 252 -14.34 -1.53 -12.48
C VAL A 252 -15.55 -0.77 -11.91
N PRO A 253 -16.00 0.31 -12.58
CA PRO A 253 -17.26 0.88 -12.08
C PRO A 253 -18.47 -0.09 -12.13
N VAL A 254 -18.56 -0.99 -13.11
CA VAL A 254 -19.75 -1.85 -13.22
C VAL A 254 -19.78 -2.88 -12.11
N VAL A 255 -18.64 -3.17 -11.48
CA VAL A 255 -18.65 -4.05 -10.32
C VAL A 255 -19.16 -3.28 -9.11
N ARG A 256 -18.67 -2.05 -8.93
CA ARG A 256 -19.08 -1.27 -7.77
C ARG A 256 -20.58 -1.01 -7.65
N ARG A 257 -21.29 -0.90 -8.77
CA ARG A 257 -22.73 -0.66 -8.67
C ARG A 257 -23.43 -1.89 -8.10
N GLU A 258 -22.78 -3.04 -8.20
CA GLU A 258 -23.42 -4.29 -7.77
C GLU A 258 -23.22 -4.54 -6.28
N LEU A 259 -22.43 -3.68 -5.63
CA LEU A 259 -22.26 -3.78 -4.20
C LEU A 259 -23.48 -3.15 -3.51
N PRO A 260 -24.00 -3.81 -2.47
CA PRO A 260 -25.06 -3.23 -1.64
C PRO A 260 -24.57 -2.02 -0.88
N LYS A 261 -25.51 -1.26 -0.30
CA LYS A 261 -25.16 -0.07 0.47
C LYS A 261 -24.33 -0.39 1.71
N GLN A 262 -24.57 -1.56 2.29
CA GLN A 262 -23.98 -1.90 3.58
C GLN A 262 -22.58 -2.49 3.44
N LEU A 263 -22.12 -2.65 2.20
CA LEU A 263 -20.76 -3.14 1.98
C LEU A 263 -19.80 -1.98 1.75
N ARG A 264 -20.31 -0.74 1.72
CA ARG A 264 -19.43 0.41 1.54
C ARG A 264 -18.91 0.98 2.87
N GLN A 265 -18.02 1.94 2.77
CA GLN A 265 -17.38 2.50 3.95
C GLN A 265 -18.41 3.27 4.78
N GLY A 266 -18.29 3.19 6.10
CA GLY A 266 -19.23 3.82 7.00
C GLY A 266 -20.30 2.85 7.50
N TYR A 267 -20.12 1.57 7.23
CA TYR A 267 -21.03 0.53 7.67
C TYR A 267 -20.31 -0.66 8.30
N VAL A 268 -21.01 -1.35 9.19
CA VAL A 268 -20.48 -2.55 9.85
C VAL A 268 -20.59 -3.72 8.89
N PHE A 269 -19.48 -4.42 8.69
CA PHE A 269 -19.45 -5.56 7.77
C PHE A 269 -20.30 -6.71 8.31
N ASN A 270 -21.18 -7.24 7.47
CA ASN A 270 -21.90 -8.47 7.77
C ASN A 270 -21.80 -9.42 6.56
N ILE A 271 -21.68 -10.72 6.79
CA ILE A 271 -21.51 -11.64 5.67
C ILE A 271 -22.73 -11.66 4.76
N GLU A 272 -23.86 -11.16 5.25
CA GLU A 272 -25.08 -11.07 4.45
C GLU A 272 -24.92 -10.15 3.24
N ALA A 273 -24.15 -9.07 3.40
CA ALA A 273 -23.96 -8.09 2.35
C ALA A 273 -22.95 -8.59 1.34
N GLY A 274 -22.06 -9.48 1.79
CA GLY A 274 -21.05 -10.07 0.92
C GLY A 274 -21.74 -11.05 -0.02
N LYS A 275 -22.72 -11.77 0.53
CA LYS A 275 -23.46 -12.76 -0.23
C LYS A 275 -24.36 -12.07 -1.26
N LYS A 276 -25.00 -10.99 -0.87
CA LYS A 276 -25.85 -10.28 -1.81
C LYS A 276 -25.00 -9.61 -2.86
N ALA A 277 -23.81 -9.16 -2.48
CA ALA A 277 -22.86 -8.61 -3.45
C ALA A 277 -22.47 -9.69 -4.44
N LEU A 278 -22.22 -10.87 -3.89
CA LEU A 278 -21.88 -12.04 -4.67
C LEU A 278 -23.03 -12.44 -5.58
N SER A 279 -24.26 -12.33 -5.07
CA SER A 279 -25.44 -12.63 -5.87
C SER A 279 -25.60 -11.63 -6.97
N ASN A 280 -25.35 -10.37 -6.66
CA ASN A 280 -25.46 -9.32 -7.65
C ASN A 280 -24.38 -9.47 -8.72
N ILE A 281 -23.13 -9.61 -8.31
CA ILE A 281 -22.05 -9.61 -9.30
C ILE A 281 -22.16 -10.84 -10.21
N ASN A 282 -22.49 -11.99 -9.63
CA ASN A 282 -22.75 -13.21 -10.42
C ASN A 282 -23.70 -12.93 -11.57
N SER A 283 -24.81 -12.26 -11.27
CA SER A 283 -25.89 -12.12 -12.22
C SER A 283 -25.51 -11.35 -13.49
N LEU A 284 -24.34 -10.72 -13.49
CA LEU A 284 -23.85 -10.01 -14.66
C LEU A 284 -23.35 -10.99 -15.72
N GLY A 285 -22.89 -12.15 -15.27
CA GLY A 285 -22.46 -13.20 -16.16
C GLY A 285 -21.11 -12.95 -16.79
N LEU A 286 -20.35 -12.01 -16.22
CA LEU A 286 -19.05 -11.60 -16.75
C LEU A 286 -17.86 -12.32 -16.13
N PHE A 287 -18.07 -13.09 -15.07
CA PHE A 287 -16.95 -13.58 -14.26
C PHE A 287 -16.98 -15.09 -14.01
N SER A 288 -15.80 -15.72 -14.05
CA SER A 288 -15.65 -17.13 -13.75
C SER A 288 -15.52 -17.46 -12.27
N ASN A 289 -14.85 -16.57 -11.54
CA ASN A 289 -14.48 -16.80 -10.15
C ASN A 289 -14.64 -15.50 -9.36
N ILE A 290 -15.36 -15.54 -8.25
CA ILE A 290 -15.67 -14.31 -7.50
C ILE A 290 -15.59 -14.53 -6.00
N GLU A 291 -14.92 -13.62 -5.30
CA GLU A 291 -14.73 -13.74 -3.86
C GLU A 291 -15.01 -12.44 -3.13
N VAL A 292 -15.74 -12.50 -2.03
CA VAL A 292 -15.82 -11.32 -1.16
C VAL A 292 -15.30 -11.66 0.24
N ASN A 293 -14.13 -11.13 0.57
CA ASN A 293 -13.53 -11.36 1.88
C ASN A 293 -13.09 -10.10 2.56
N PRO A 294 -13.45 -9.96 3.84
CA PRO A 294 -12.96 -8.89 4.70
C PRO A 294 -11.57 -9.18 5.21
N ARG A 295 -10.72 -8.17 5.31
CA ARG A 295 -9.45 -8.32 6.03
C ARG A 295 -9.12 -7.05 6.77
N PRO A 296 -8.44 -7.17 7.92
CA PRO A 296 -8.13 -6.00 8.75
C PRO A 296 -7.26 -4.98 8.05
N ASP A 297 -7.53 -3.70 8.20
CA ASP A 297 -6.69 -2.71 7.53
C ASP A 297 -5.48 -2.46 8.42
N GLU A 298 -4.56 -1.61 8.01
CA GLU A 298 -3.34 -1.46 8.78
C GLU A 298 -3.47 -0.66 10.09
N LYS A 299 -4.62 0.00 10.31
CA LYS A 299 -4.77 0.84 11.50
C LYS A 299 -4.97 0.11 12.84
N ASN A 300 -5.44 -1.14 12.80
CA ASN A 300 -5.67 -1.96 14.01
C ASN A 300 -6.66 -1.32 14.99
N GLU A 301 -7.50 -0.43 14.48
CA GLU A 301 -8.57 0.19 15.25
C GLU A 301 -9.91 -0.52 14.99
N GLY A 302 -9.85 -1.62 14.25
CA GLY A 302 -11.02 -2.43 13.98
C GLY A 302 -11.64 -2.20 12.61
N GLY A 303 -10.96 -1.44 11.77
CA GLY A 303 -11.50 -1.10 10.46
C GLY A 303 -11.28 -2.22 9.47
N ILE A 304 -12.22 -2.36 8.53
CA ILE A 304 -12.20 -3.50 7.65
C ILE A 304 -12.06 -3.12 6.17
N ILE A 305 -11.19 -3.84 5.49
CA ILE A 305 -11.07 -3.80 4.03
C ILE A 305 -12.00 -4.82 3.38
N VAL A 306 -12.88 -4.36 2.50
CA VAL A 306 -13.67 -5.30 1.73
C VAL A 306 -12.93 -5.66 0.44
N GLU A 307 -12.49 -6.90 0.35
CA GLU A 307 -11.72 -7.31 -0.82
C GLU A 307 -12.59 -8.13 -1.75
N ILE A 308 -12.58 -7.77 -3.02
CA ILE A 308 -13.28 -8.56 -4.02
C ILE A 308 -12.30 -9.06 -5.06
N LYS A 309 -12.12 -10.38 -5.13
CA LYS A 309 -11.21 -11.03 -6.08
C LYS A 309 -12.02 -11.55 -7.27
N LEU A 310 -11.59 -11.20 -8.48
CA LEU A 310 -12.31 -11.56 -9.70
C LEU A 310 -11.44 -12.14 -10.82
N LYS A 311 -11.89 -13.22 -11.42
CA LYS A 311 -11.27 -13.75 -12.65
C LYS A 311 -12.33 -13.66 -13.75
N GLU A 312 -11.97 -13.10 -14.90
CA GLU A 312 -12.94 -12.88 -15.97
C GLU A 312 -13.22 -14.14 -16.79
N LEU A 313 -14.14 -14.02 -17.74
CA LEU A 313 -14.46 -15.14 -18.62
C LEU A 313 -13.63 -15.04 -19.88
N GLU A 314 -13.84 -13.97 -20.63
CA GLU A 314 -13.10 -13.70 -21.85
C GLU A 314 -11.63 -13.42 -21.54
N SER B 15 25.21 -9.70 -21.90
CA SER B 15 25.78 -9.67 -23.25
C SER B 15 27.10 -8.91 -23.27
N HIS B 16 27.68 -8.76 -22.08
CA HIS B 16 29.02 -8.20 -21.88
C HIS B 16 29.31 -8.16 -20.37
N GLY B 17 30.58 -8.20 -19.98
CA GLY B 17 30.93 -7.86 -18.61
C GLY B 17 31.81 -6.64 -18.51
N LEU B 18 31.93 -6.07 -17.33
CA LEU B 18 33.19 -5.51 -16.85
C LEU B 18 33.18 -5.51 -15.31
N PRO B 19 33.08 -6.69 -14.66
CA PRO B 19 33.01 -6.60 -13.20
C PRO B 19 34.29 -6.11 -12.52
N ALA B 20 34.12 -5.60 -11.31
CA ALA B 20 35.23 -5.10 -10.52
C ALA B 20 35.90 -6.23 -9.75
N ASN B 21 35.44 -7.46 -9.96
CA ASN B 21 36.17 -8.63 -9.49
C ASN B 21 36.40 -8.70 -7.98
N ILE B 22 35.41 -9.18 -7.21
CA ILE B 22 34.20 -9.77 -7.76
C ILE B 22 32.94 -9.30 -7.03
N VAL B 23 32.81 -9.71 -5.78
CA VAL B 23 31.58 -9.52 -5.01
C VAL B 23 31.55 -8.13 -4.38
N VAL B 24 32.53 -7.32 -4.72
CA VAL B 24 32.54 -5.91 -4.38
C VAL B 24 31.27 -5.25 -4.94
N GLN B 25 30.74 -4.26 -4.23
CA GLN B 25 29.55 -3.58 -4.70
C GLN B 25 29.91 -2.21 -5.29
N LEU B 26 29.82 -2.12 -6.61
CA LEU B 26 30.13 -0.90 -7.35
C LEU B 26 28.98 0.09 -7.29
N ASN B 27 29.30 1.37 -7.41
CA ASN B 27 28.26 2.39 -7.44
C ASN B 27 27.99 2.88 -8.87
N LYS B 28 27.13 3.88 -8.97
CA LYS B 28 26.62 4.38 -10.25
C LYS B 28 27.70 5.11 -11.05
N LEU B 29 28.88 5.25 -10.46
CA LEU B 29 30.01 5.91 -11.10
C LEU B 29 30.88 4.84 -11.75
N SER B 30 30.94 4.85 -13.08
CA SER B 30 31.79 3.93 -13.84
C SER B 30 31.72 4.20 -15.35
N GLY B 31 32.76 3.71 -16.05
CA GLY B 31 32.80 3.66 -17.49
C GLY B 31 31.62 2.96 -18.14
N PHE B 32 31.33 3.32 -19.39
CA PHE B 32 30.23 2.69 -20.10
C PHE B 32 30.65 1.50 -20.99
N LYS B 33 30.08 0.36 -20.66
CA LYS B 33 30.15 -0.89 -21.40
C LYS B 33 28.69 -1.36 -21.33
N LYS B 34 28.27 -2.36 -22.11
CA LYS B 34 26.87 -2.77 -21.98
C LYS B 34 26.77 -3.89 -20.95
N TYR B 35 26.26 -3.58 -19.76
CA TYR B 35 26.15 -4.56 -18.68
C TYR B 35 24.94 -5.49 -18.79
N LYS B 36 25.04 -6.65 -18.15
CA LYS B 36 23.92 -7.59 -18.03
C LYS B 36 23.51 -7.77 -16.58
N VAL B 37 22.20 -7.80 -16.31
CA VAL B 37 21.71 -7.91 -14.95
C VAL B 37 21.03 -9.27 -14.74
N SER B 38 21.65 -10.10 -13.93
CA SER B 38 21.20 -11.47 -13.70
C SER B 38 19.96 -11.54 -12.83
N ASP B 39 19.91 -10.68 -11.81
CA ASP B 39 18.74 -10.62 -10.95
C ASP B 39 18.51 -9.21 -10.36
N ILE B 40 17.24 -8.87 -10.17
CA ILE B 40 16.85 -7.56 -9.65
C ILE B 40 16.38 -7.65 -8.20
N MSE B 41 16.62 -6.59 -7.43
CA MSE B 41 16.11 -6.49 -6.07
C MSE B 41 15.43 -5.14 -5.83
O MSE B 41 16.10 -4.09 -5.87
CB MSE B 41 17.21 -6.73 -5.04
CG MSE B 41 17.53 -8.20 -4.81
SE MSE B 41 16.04 -9.20 -4.01
CE MSE B 41 16.01 -10.72 -5.24
N PHE B 42 14.13 -5.17 -5.58
CA PHE B 42 13.34 -3.97 -5.32
C PHE B 42 13.01 -3.95 -3.82
N PHE B 43 13.63 -3.03 -3.09
CA PHE B 43 13.57 -3.06 -1.62
C PHE B 43 12.84 -1.87 -1.01
N ASP B 44 11.98 -2.14 -0.04
CA ASP B 44 11.20 -1.11 0.66
C ASP B 44 11.88 -0.80 2.00
N ARG B 45 12.42 0.41 2.14
CA ARG B 45 13.22 0.74 3.32
C ARG B 45 12.40 0.69 4.61
N ARG B 46 11.24 1.38 4.60
CA ARG B 46 10.44 1.55 5.81
C ARG B 46 9.68 0.28 6.23
N ARG B 47 9.14 -0.45 5.27
CA ARG B 47 8.38 -1.67 5.59
C ARG B 47 9.31 -2.87 5.77
N GLN B 48 10.58 -2.69 5.42
CA GLN B 48 11.60 -3.73 5.54
C GLN B 48 11.26 -5.02 4.80
N THR B 49 10.51 -4.92 3.71
CA THR B 49 10.21 -6.10 2.89
C THR B 49 10.84 -5.93 1.50
N THR B 50 10.72 -6.97 0.68
CA THR B 50 11.21 -6.94 -0.70
C THR B 50 10.02 -7.22 -1.62
N ILE B 51 10.01 -6.59 -2.78
CA ILE B 51 8.91 -6.74 -3.73
C ILE B 51 9.10 -8.00 -4.55
N GLY B 52 8.13 -8.90 -4.48
CA GLY B 52 8.20 -10.17 -5.20
C GLY B 52 8.06 -9.95 -6.69
N THR B 53 8.51 -10.93 -7.48
CA THR B 53 8.48 -10.80 -8.94
C THR B 53 7.04 -10.86 -9.49
N GLU B 54 6.11 -11.37 -8.69
CA GLU B 54 4.70 -11.41 -9.07
C GLU B 54 3.84 -10.30 -8.43
N ASP B 55 4.49 -9.41 -7.67
CA ASP B 55 3.77 -8.44 -6.81
C ASP B 55 3.05 -7.34 -7.59
N SER B 56 3.42 -7.16 -8.85
CA SER B 56 2.83 -6.15 -9.74
C SER B 56 3.11 -4.68 -9.32
N PHE B 57 3.70 -4.46 -8.15
CA PHE B 57 4.33 -3.18 -7.83
C PHE B 57 5.76 -3.21 -8.36
N PHE B 58 6.13 -4.40 -8.84
CA PHE B 58 7.45 -4.67 -9.40
C PHE B 58 7.63 -4.01 -10.76
N GLU B 59 6.52 -3.64 -11.40
CA GLU B 59 6.55 -3.07 -12.74
C GLU B 59 7.06 -1.62 -12.70
N MSE B 60 7.27 -1.11 -11.49
CA MSE B 60 7.88 0.19 -11.28
C MSE B 60 9.31 0.21 -11.83
O MSE B 60 9.90 1.27 -12.04
CB MSE B 60 7.87 0.56 -9.80
CG MSE B 60 6.47 0.87 -9.27
SE MSE B 60 5.72 2.49 -10.09
CE MSE B 60 7.07 3.75 -9.45
N VAL B 61 9.84 -0.99 -12.05
CA VAL B 61 11.18 -1.18 -12.57
C VAL B 61 11.13 -1.74 -13.98
N SER B 62 11.73 -1.04 -14.93
CA SER B 62 11.77 -1.50 -16.31
C SER B 62 12.91 -2.49 -16.49
N ILE B 63 13.65 -2.70 -15.41
CA ILE B 63 14.83 -3.54 -15.43
C ILE B 63 14.46 -4.94 -14.98
N ARG B 64 14.60 -5.90 -15.89
CA ARG B 64 14.23 -7.28 -15.61
C ARG B 64 15.46 -8.18 -15.63
N PRO B 65 15.41 -9.32 -14.91
CA PRO B 65 16.56 -10.23 -14.90
C PRO B 65 16.86 -10.79 -16.29
N GLY B 66 18.14 -10.98 -16.59
CA GLY B 66 18.56 -11.48 -17.87
C GLY B 66 18.59 -10.40 -18.93
N GLY B 67 18.30 -9.16 -18.53
CA GLY B 67 18.33 -8.04 -19.46
C GLY B 67 19.69 -7.36 -19.54
N VAL B 68 19.92 -6.64 -20.64
CA VAL B 68 21.17 -5.91 -20.80
C VAL B 68 20.91 -4.41 -20.90
N TYR B 69 21.62 -3.63 -20.08
CA TYR B 69 21.42 -2.20 -20.00
C TYR B 69 22.77 -1.49 -19.90
N THR B 70 22.93 -0.41 -20.65
CA THR B 70 24.15 0.38 -20.58
C THR B 70 24.17 1.20 -19.30
N LYS B 71 25.22 2.01 -19.13
CA LYS B 71 25.34 2.87 -17.95
C LYS B 71 24.26 3.96 -17.98
N ALA B 72 24.02 4.49 -19.17
CA ALA B 72 23.04 5.54 -19.36
C ALA B 72 21.62 5.07 -19.01
N GLN B 73 21.37 3.78 -19.24
CA GLN B 73 20.03 3.23 -19.05
C GLN B 73 19.65 3.01 -17.60
N LEU B 74 20.59 2.53 -16.77
CA LEU B 74 20.30 2.37 -15.35
C LEU B 74 20.19 3.71 -14.64
N GLN B 75 20.78 4.74 -15.23
CA GLN B 75 20.78 6.06 -14.60
C GLN B 75 19.44 6.77 -14.80
N LYS B 76 18.81 6.53 -15.93
CA LYS B 76 17.51 7.12 -16.18
C LYS B 76 16.46 6.44 -15.33
N GLU B 77 16.67 5.14 -15.08
CA GLU B 77 15.77 4.36 -14.26
C GLU B 77 15.68 4.95 -12.87
N LEU B 78 16.83 5.18 -12.27
CA LEU B 78 16.90 5.83 -10.97
C LEU B 78 16.37 7.27 -11.04
N GLU B 79 16.54 7.91 -12.19
CA GLU B 79 16.06 9.27 -12.37
C GLU B 79 14.55 9.32 -12.51
N THR B 80 13.98 8.30 -13.14
CA THR B 80 12.53 8.28 -13.32
C THR B 80 11.84 7.97 -11.99
N LEU B 81 12.48 7.11 -11.21
CA LEU B 81 11.92 6.72 -9.92
C LEU B 81 12.09 7.84 -8.90
N ALA B 82 13.17 8.61 -9.03
CA ALA B 82 13.45 9.66 -8.08
C ALA B 82 12.57 10.87 -8.31
N THR B 83 12.23 11.11 -9.58
CA THR B 83 11.45 12.29 -9.96
C THR B 83 9.97 12.03 -10.12
N CYS B 84 9.52 10.80 -9.88
CA CYS B 84 8.13 10.47 -10.15
C CYS B 84 7.23 10.96 -9.04
N GLY B 85 7.80 11.17 -7.85
CA GLY B 85 7.06 11.75 -6.75
C GLY B 85 6.42 10.77 -5.79
N MSE B 86 6.66 9.48 -5.96
CA MSE B 86 6.20 8.49 -4.99
C MSE B 86 7.23 8.15 -3.94
O MSE B 86 6.93 7.44 -2.98
CB MSE B 86 5.78 7.22 -5.69
CG MSE B 86 4.83 7.46 -6.79
SE MSE B 86 4.66 5.85 -7.81
CE MSE B 86 4.66 6.68 -9.59
N PHE B 87 8.46 8.64 -4.14
CA PHE B 87 9.52 8.43 -3.16
C PHE B 87 10.22 9.74 -2.88
N GLU B 88 10.50 10.02 -1.60
CA GLU B 88 11.30 11.20 -1.27
C GLU B 88 12.77 10.83 -1.13
N LYS B 89 13.03 9.54 -1.06
CA LYS B 89 14.38 9.00 -1.21
C LYS B 89 14.35 7.66 -1.93
N VAL B 90 15.09 7.55 -3.03
CA VAL B 90 15.33 6.26 -3.69
C VAL B 90 16.73 6.20 -4.27
N ASP B 91 17.47 5.13 -3.99
CA ASP B 91 18.81 5.00 -4.52
C ASP B 91 18.96 3.73 -5.36
N LEU B 92 19.93 3.73 -6.26
CA LEU B 92 20.18 2.59 -7.11
C LEU B 92 21.64 2.20 -7.07
N GLU B 93 21.89 0.95 -6.68
CA GLU B 93 23.24 0.44 -6.55
C GLU B 93 23.28 -0.90 -7.25
N GLY B 94 24.48 -1.46 -7.40
CA GLY B 94 24.59 -2.79 -7.94
C GLY B 94 25.79 -3.52 -7.38
N LYS B 95 25.69 -4.86 -7.37
CA LYS B 95 26.79 -5.68 -6.92
C LYS B 95 27.31 -6.51 -8.08
N THR B 96 28.61 -6.41 -8.31
CA THR B 96 29.24 -7.16 -9.38
C THR B 96 29.26 -8.64 -9.02
N LYS B 97 28.82 -9.47 -9.96
CA LYS B 97 28.85 -10.91 -9.75
C LYS B 97 30.18 -11.43 -10.29
N PRO B 98 30.68 -12.56 -9.74
CA PRO B 98 32.04 -13.02 -10.05
C PRO B 98 32.28 -13.10 -11.55
N ASP B 99 31.37 -13.73 -12.28
CA ASP B 99 31.39 -13.67 -13.73
C ASP B 99 30.00 -13.86 -14.31
N GLY B 100 29.66 -13.12 -15.35
CA GLY B 100 30.37 -11.90 -15.73
C GLY B 100 29.46 -10.71 -15.52
N THR B 101 28.37 -10.94 -14.80
CA THR B 101 27.28 -9.97 -14.69
C THR B 101 27.28 -9.22 -13.37
N LEU B 102 26.25 -8.41 -13.16
CA LEU B 102 26.04 -7.73 -11.89
C LEU B 102 24.57 -7.66 -11.50
N GLY B 103 24.28 -7.87 -10.22
CA GLY B 103 22.93 -7.71 -9.71
C GLY B 103 22.71 -6.30 -9.19
N VAL B 104 21.47 -5.83 -9.21
CA VAL B 104 21.18 -4.47 -8.76
C VAL B 104 20.18 -4.43 -7.59
N THR B 105 20.33 -3.41 -6.77
CA THR B 105 19.42 -3.20 -5.65
C THR B 105 18.82 -1.80 -5.66
N ILE B 106 17.50 -1.74 -5.80
CA ILE B 106 16.75 -0.50 -5.73
C ILE B 106 16.09 -0.38 -4.37
N SER B 107 16.58 0.54 -3.55
CA SER B 107 15.97 0.79 -2.26
C SER B 107 15.15 2.06 -2.35
N PHE B 108 14.13 2.19 -1.50
CA PHE B 108 13.26 3.36 -1.58
C PHE B 108 12.47 3.59 -0.30
N ALA B 109 12.03 4.83 -0.14
CA ALA B 109 11.17 5.18 0.96
C ALA B 109 10.01 5.94 0.36
N GLU B 110 8.81 5.37 0.49
CA GLU B 110 7.62 6.00 -0.09
C GLU B 110 7.42 7.41 0.44
N SER B 111 6.88 8.27 -0.42
CA SER B 111 6.55 9.61 0.00
C SER B 111 5.44 9.55 1.07
N THR B 112 5.42 10.53 1.95
CA THR B 112 4.45 10.54 3.05
C THR B 112 3.14 11.15 2.55
N TRP B 113 2.05 10.41 2.72
CA TRP B 113 0.75 10.86 2.23
C TRP B 113 -0.37 10.84 3.27
N GLN B 114 -1.44 11.53 2.92
CA GLN B 114 -2.63 11.70 3.72
C GLN B 114 -3.82 11.28 2.87
N SER B 115 -5.03 11.61 3.31
CA SER B 115 -6.19 11.40 2.45
C SER B 115 -6.15 12.44 1.32
N ALA B 116 -7.08 12.29 0.37
CA ALA B 116 -7.18 13.22 -0.74
C ALA B 116 -8.62 13.42 -1.14
N ASP B 117 -9.10 14.67 -1.18
CA ASP B 117 -10.42 14.91 -1.75
C ASP B 117 -10.34 15.50 -3.19
N ARG B 118 -9.15 15.64 -3.73
CA ARG B 118 -8.98 16.24 -5.06
C ARG B 118 -7.90 15.63 -5.93
N PHE B 119 -8.23 15.42 -7.22
CA PHE B 119 -7.24 14.94 -8.19
C PHE B 119 -7.04 15.93 -9.36
N ARG B 120 -5.91 16.62 -9.39
CA ARG B 120 -5.72 17.69 -10.35
C ARG B 120 -4.77 17.25 -11.43
N CYS B 121 -5.05 17.64 -12.68
CA CYS B 121 -4.16 17.28 -13.76
C CYS B 121 -3.61 18.53 -14.44
N ILE B 122 -2.29 18.64 -14.49
CA ILE B 122 -1.67 19.80 -15.13
C ILE B 122 -0.72 19.39 -16.26
N ASN B 123 -0.70 20.18 -17.33
CA ASN B 123 0.14 19.92 -18.49
C ASN B 123 1.46 20.69 -18.37
N VAL B 124 2.51 19.95 -18.08
CA VAL B 124 3.83 20.53 -17.81
C VAL B 124 4.72 20.46 -19.06
N GLY B 125 4.13 20.06 -20.17
CA GLY B 125 4.82 19.98 -21.44
C GLY B 125 5.46 21.30 -21.78
N LEU B 126 6.76 21.26 -22.11
CA LEU B 126 7.53 22.44 -22.47
C LEU B 126 7.74 23.38 -21.28
N MSE B 127 8.02 22.80 -20.11
CA MSE B 127 8.45 23.55 -18.93
C MSE B 127 9.55 22.80 -18.22
O MSE B 127 9.89 21.69 -18.61
CB MSE B 127 7.31 23.76 -17.94
CG MSE B 127 6.11 24.45 -18.48
SE MSE B 127 4.67 24.30 -17.17
CE MSE B 127 3.56 25.72 -17.94
N VAL B 128 10.06 23.39 -17.15
CA VAL B 128 11.00 22.67 -16.28
C VAL B 128 10.31 21.52 -15.53
N GLN B 129 11.03 20.42 -15.47
CA GLN B 129 10.52 19.21 -14.84
C GLN B 129 10.71 19.28 -13.33
N SER B 130 9.79 18.66 -12.59
CA SER B 130 9.91 18.56 -11.14
C SER B 130 10.94 17.51 -10.76
N LYS B 131 11.95 17.94 -10.02
CA LYS B 131 12.93 17.04 -9.43
C LYS B 131 12.70 17.05 -7.91
N PRO B 132 12.95 15.91 -7.24
CA PRO B 132 12.68 15.78 -5.80
C PRO B 132 13.22 16.97 -5.00
N ILE B 133 14.42 17.40 -5.37
CA ILE B 133 15.01 18.65 -4.90
C ILE B 133 14.92 18.82 -3.37
N GLU B 134 15.32 17.79 -2.64
CA GLU B 134 15.36 17.88 -1.19
C GLU B 134 16.54 18.76 -0.79
N MSE B 135 16.25 19.85 -0.10
CA MSE B 135 17.28 20.80 0.29
C MSE B 135 18.04 20.30 1.51
O MSE B 135 17.83 19.16 1.95
CB MSE B 135 16.68 22.18 0.57
N ASP B 136 18.93 21.14 2.04
CA ASP B 136 19.67 20.79 3.26
C ASP B 136 18.69 20.63 4.42
N SER B 137 18.92 19.62 5.24
CA SER B 137 18.05 19.34 6.38
C SER B 137 18.68 19.78 7.70
N ASP B 138 17.84 20.38 8.55
CA ASP B 138 18.31 21.02 9.78
C ASP B 138 19.50 21.97 9.52
N MSE B 139 19.31 23.15 8.90
CA MSE B 139 18.05 23.81 8.49
C MSE B 139 17.03 23.97 9.62
O MSE B 139 15.82 24.01 9.37
CB MSE B 139 17.41 23.10 7.30
N THR B 140 17.53 24.05 10.85
CA THR B 140 16.80 24.61 11.99
C THR B 140 15.38 24.07 12.24
N ASP B 141 14.51 24.95 12.74
CA ASP B 141 13.15 24.58 13.14
C ASP B 141 12.08 25.51 12.56
N LYS B 142 12.07 26.75 13.02
CA LYS B 142 11.07 27.74 12.59
C LYS B 142 11.26 28.17 11.14
N GLU B 143 12.47 27.97 10.61
CA GLU B 143 12.78 28.34 9.23
C GLU B 143 12.21 27.31 8.25
N LYS B 144 12.20 26.06 8.66
CA LYS B 144 11.68 24.97 7.83
C LYS B 144 10.19 25.16 7.54
N LEU B 145 9.44 25.55 8.56
CA LEU B 145 7.99 25.77 8.41
C LEU B 145 7.68 26.87 7.40
N GLU B 146 8.58 27.85 7.29
CA GLU B 146 8.44 28.93 6.30
C GLU B 146 8.88 28.39 4.94
N TYR B 147 9.88 27.51 4.96
CA TYR B 147 10.41 26.88 3.77
C TYR B 147 9.34 26.02 3.08
N TYR B 148 8.53 25.35 3.89
CA TYR B 148 7.40 24.58 3.38
C TYR B 148 6.37 25.52 2.76
N ARG B 149 6.12 26.65 3.41
CA ARG B 149 5.22 27.65 2.86
C ARG B 149 5.79 28.19 1.56
N SER B 150 7.12 28.31 1.51
CA SER B 150 7.79 28.72 0.28
C SER B 150 7.57 27.67 -0.80
N LEU B 151 7.76 26.39 -0.44
CA LEU B 151 7.48 25.26 -1.33
C LEU B 151 6.08 25.32 -1.92
N GLU B 152 5.08 25.23 -1.06
CA GLU B 152 3.69 25.17 -1.51
C GLU B 152 3.28 26.35 -2.37
N LYS B 153 3.78 27.54 -2.05
CA LYS B 153 3.42 28.72 -2.81
C LYS B 153 4.10 28.68 -4.18
N ASP B 154 5.24 28.01 -4.26
CA ASP B 154 5.91 27.80 -5.55
C ASP B 154 5.10 26.85 -6.43
N TYR B 155 4.48 25.84 -5.81
CA TYR B 155 3.75 24.83 -6.56
C TYR B 155 2.41 25.37 -7.05
N LYS B 156 1.82 26.31 -6.33
CA LYS B 156 0.56 26.92 -6.78
C LYS B 156 0.83 27.78 -8.01
N ARG B 157 2.05 28.30 -8.06
CA ARG B 157 2.53 29.13 -9.16
C ARG B 157 2.73 28.23 -10.38
N ARG B 158 3.31 27.06 -10.11
CA ARG B 158 3.57 26.07 -11.15
C ARG B 158 2.27 25.52 -11.72
N ILE B 159 1.30 25.28 -10.85
CA ILE B 159 -0.02 24.79 -11.27
C ILE B 159 -0.69 25.78 -12.20
N ASP B 160 -0.73 27.04 -11.81
CA ASP B 160 -1.45 28.04 -12.60
C ASP B 160 -0.65 28.52 -13.83
N ARG B 161 0.66 28.26 -13.84
CA ARG B 161 1.46 28.44 -15.06
C ARG B 161 1.05 27.43 -16.13
N ALA B 162 0.63 26.24 -15.67
CA ALA B 162 0.42 25.10 -16.53
C ALA B 162 -0.80 25.21 -17.43
N ARG B 163 -0.92 24.23 -18.32
CA ARG B 163 -2.00 24.18 -19.31
C ARG B 163 -3.01 23.14 -18.88
N PRO B 164 -4.27 23.28 -19.34
CA PRO B 164 -5.25 22.22 -19.06
C PRO B 164 -4.79 20.90 -19.66
N CYS B 165 -5.25 19.78 -19.12
CA CYS B 165 -5.00 18.54 -19.83
C CYS B 165 -6.21 18.16 -20.67
N LEU B 166 -6.02 17.13 -21.48
CA LEU B 166 -7.04 16.68 -22.40
C LEU B 166 -7.93 15.65 -21.71
N LEU B 167 -7.49 15.21 -20.54
CA LEU B 167 -8.14 14.15 -19.81
C LEU B 167 -9.61 14.46 -19.54
N PRO B 168 -10.51 13.59 -20.01
CA PRO B 168 -11.96 13.76 -19.86
C PRO B 168 -12.49 13.32 -18.48
N ALA B 169 -13.66 13.85 -18.12
CA ALA B 169 -14.26 13.63 -16.80
C ALA B 169 -14.36 12.16 -16.33
N PRO B 170 -14.81 11.23 -17.19
CA PRO B 170 -14.96 9.88 -16.63
C PRO B 170 -13.63 9.36 -16.05
N VAL B 171 -12.53 9.71 -16.70
CA VAL B 171 -11.21 9.31 -16.19
C VAL B 171 -10.90 10.00 -14.86
N TYR B 172 -11.28 11.28 -14.69
CA TYR B 172 -11.15 11.95 -13.38
C TYR B 172 -12.01 11.25 -12.33
N GLY B 173 -13.23 10.89 -12.74
CA GLY B 173 -14.18 10.23 -11.88
C GLY B 173 -13.68 8.89 -11.38
N GLU B 174 -13.09 8.07 -12.25
CA GLU B 174 -12.64 6.75 -11.80
C GLU B 174 -11.43 6.89 -10.91
N VAL B 175 -10.56 7.85 -11.22
CA VAL B 175 -9.34 7.99 -10.44
C VAL B 175 -9.68 8.40 -9.01
N MSE B 176 -10.66 9.29 -8.88
CA MSE B 176 -11.06 9.77 -7.57
C MSE B 176 -11.67 8.65 -6.74
O MSE B 176 -11.38 8.52 -5.55
CB MSE B 176 -12.04 10.94 -7.71
CG MSE B 176 -11.35 12.28 -7.81
SE MSE B 176 -10.22 12.61 -6.26
CE MSE B 176 -11.58 12.44 -4.85
N GLN B 177 -12.51 7.85 -7.38
CA GLN B 177 -13.15 6.74 -6.70
C GLN B 177 -12.12 5.69 -6.25
N MSE B 178 -11.00 5.61 -6.94
CA MSE B 178 -9.90 4.78 -6.50
C MSE B 178 -9.34 5.36 -5.21
O MSE B 178 -9.08 4.63 -4.26
CB MSE B 178 -8.81 4.67 -7.57
CG MSE B 178 -9.22 4.00 -8.87
SE MSE B 178 -7.68 3.80 -10.07
CE MSE B 178 -8.30 2.20 -11.03
N LEU B 179 -9.15 6.68 -5.22
CA LEU B 179 -8.70 7.42 -4.03
C LEU B 179 -9.67 7.24 -2.84
N ARG B 180 -10.97 7.37 -3.08
CA ARG B 180 -11.94 7.16 -2.03
C ARG B 180 -11.92 5.74 -1.48
N ASP B 181 -11.63 4.78 -2.36
CA ASP B 181 -11.71 3.35 -2.01
C ASP B 181 -10.61 2.96 -1.04
N GLN B 182 -9.41 3.49 -1.24
CA GLN B 182 -8.28 3.21 -0.35
C GLN B 182 -8.36 4.04 0.94
N GLY B 183 -8.74 5.30 0.78
CA GLY B 183 -8.83 6.24 1.89
C GLY B 183 -7.55 6.99 2.24
N LYS B 184 -6.41 6.45 1.84
CA LYS B 184 -5.12 7.12 2.01
C LYS B 184 -4.20 6.75 0.86
N VAL B 185 -3.49 7.74 0.33
CA VAL B 185 -2.66 7.56 -0.85
C VAL B 185 -1.42 6.73 -0.54
N SER B 186 -1.09 5.81 -1.45
CA SER B 186 0.15 5.04 -1.39
C SER B 186 0.83 4.99 -2.77
N ALA B 187 2.04 4.43 -2.83
CA ALA B 187 2.73 4.29 -4.11
C ALA B 187 2.02 3.24 -4.97
N ARG B 188 1.52 2.20 -4.33
CA ARG B 188 0.84 1.16 -5.07
C ARG B 188 -0.40 1.75 -5.74
N LEU B 189 -1.04 2.71 -5.08
CA LEU B 189 -2.21 3.36 -5.67
C LEU B 189 -1.80 4.38 -6.73
N LEU B 190 -0.72 5.11 -6.49
CA LEU B 190 -0.24 6.06 -7.48
C LEU B 190 0.15 5.31 -8.75
N GLN B 191 0.74 4.13 -8.60
CA GLN B 191 1.12 3.34 -9.75
C GLN B 191 -0.08 3.00 -10.64
N ARG B 192 -1.16 2.55 -10.02
CA ARG B 192 -2.34 2.15 -10.76
C ARG B 192 -2.98 3.37 -11.40
N ILE B 193 -2.99 4.47 -10.66
CA ILE B 193 -3.58 5.72 -11.17
C ILE B 193 -2.82 6.15 -12.42
N ARG B 194 -1.49 6.03 -12.35
CA ARG B 194 -0.63 6.44 -13.45
C ARG B 194 -0.85 5.62 -14.71
N ASP B 195 -1.04 4.32 -14.56
CA ASP B 195 -1.30 3.47 -15.71
C ASP B 195 -2.68 3.82 -16.25
N ARG B 196 -3.59 4.09 -15.34
CA ARG B 196 -4.98 4.41 -15.66
C ARG B 196 -5.06 5.68 -16.49
N VAL B 197 -4.34 6.71 -16.08
CA VAL B 197 -4.30 7.97 -16.81
C VAL B 197 -3.62 7.77 -18.16
N GLN B 198 -2.45 7.14 -18.13
CA GLN B 198 -1.66 6.90 -19.32
C GLN B 198 -2.39 5.96 -20.31
N LYS B 199 -3.24 5.08 -19.81
CA LYS B 199 -4.04 4.21 -20.68
C LYS B 199 -4.98 5.02 -21.57
N TRP B 200 -5.68 6.00 -20.99
CA TRP B 200 -6.64 6.80 -21.75
C TRP B 200 -5.99 7.53 -22.90
N TYR B 201 -4.85 8.14 -22.61
CA TYR B 201 -4.08 8.90 -23.56
C TYR B 201 -3.64 8.02 -24.75
N HIS B 202 -3.03 6.89 -24.45
CA HIS B 202 -2.53 6.03 -25.52
C HIS B 202 -3.68 5.44 -26.35
N ASP B 203 -4.82 5.16 -25.72
CA ASP B 203 -5.97 4.65 -26.46
C ASP B 203 -6.49 5.68 -27.48
N GLU B 204 -6.32 6.97 -27.17
CA GLU B 204 -6.87 8.05 -27.99
C GLU B 204 -5.89 8.50 -29.06
N GLY B 205 -4.72 7.85 -29.10
CA GLY B 205 -3.76 8.09 -30.15
C GLY B 205 -2.57 8.91 -29.68
N TYR B 206 -2.57 9.36 -28.43
CA TYR B 206 -1.44 10.16 -27.98
C TYR B 206 -0.41 9.20 -27.41
N ALA B 207 0.59 8.90 -28.22
CA ALA B 207 1.52 7.83 -27.91
C ALA B 207 2.64 8.31 -27.01
N CYS B 208 2.94 9.60 -27.12
CA CYS B 208 4.12 10.16 -26.50
C CYS B 208 3.81 10.80 -25.16
N ALA B 209 2.55 10.68 -24.76
CA ALA B 209 2.09 11.17 -23.46
C ALA B 209 2.69 10.34 -22.35
N GLN B 210 3.04 10.98 -21.24
CA GLN B 210 3.59 10.28 -20.08
C GLN B 210 3.21 11.00 -18.79
N VAL B 211 3.14 10.26 -17.69
CA VAL B 211 2.93 10.89 -16.38
C VAL B 211 4.26 11.01 -15.66
N VAL B 212 4.77 12.23 -15.57
CA VAL B 212 6.12 12.45 -15.10
C VAL B 212 6.28 12.70 -13.60
N ASN B 213 5.20 13.07 -12.91
CA ASN B 213 5.29 13.38 -11.49
C ASN B 213 3.94 13.38 -10.79
N PHE B 214 3.98 13.19 -9.47
CA PHE B 214 2.82 13.37 -8.60
C PHE B 214 3.19 14.37 -7.51
N GLY B 215 2.59 15.56 -7.53
CA GLY B 215 2.75 16.55 -6.47
C GLY B 215 1.99 16.25 -5.18
N ASN B 216 2.69 16.21 -4.05
CA ASN B 216 2.01 16.03 -2.75
C ASN B 216 1.80 17.33 -1.98
N LEU B 217 2.27 18.44 -2.55
CA LEU B 217 2.42 19.69 -1.82
C LEU B 217 1.12 20.37 -1.37
N ASN B 218 0.03 20.21 -2.12
CA ASN B 218 -1.26 20.75 -1.69
C ASN B 218 -1.95 19.75 -0.76
N THR B 219 -2.50 20.21 0.37
CA THR B 219 -3.10 19.28 1.31
C THR B 219 -4.31 18.58 0.72
N LYS B 220 -4.38 17.25 0.90
CA LYS B 220 -5.52 16.43 0.46
C LYS B 220 -5.78 16.60 -1.04
N GLU B 221 -4.72 16.83 -1.79
CA GLU B 221 -4.81 17.04 -3.22
C GLU B 221 -3.69 16.29 -3.93
N VAL B 222 -4.06 15.45 -4.88
CA VAL B 222 -3.07 14.79 -5.70
C VAL B 222 -2.89 15.55 -7.01
N VAL B 223 -1.69 16.05 -7.25
CA VAL B 223 -1.40 16.69 -8.53
C VAL B 223 -0.72 15.72 -9.47
N CYS B 224 -1.32 15.52 -10.64
CA CYS B 224 -0.73 14.68 -11.65
C CYS B 224 -0.16 15.52 -12.80
N GLU B 225 1.16 15.50 -12.94
CA GLU B 225 1.80 16.22 -14.03
C GLU B 225 1.90 15.33 -15.27
N VAL B 226 1.37 15.79 -16.40
CA VAL B 226 1.60 15.07 -17.64
C VAL B 226 2.29 15.93 -18.70
N VAL B 227 3.04 15.26 -19.56
CA VAL B 227 3.51 15.86 -20.79
C VAL B 227 2.79 15.13 -21.91
N GLU B 228 2.07 15.86 -22.74
CA GLU B 228 1.20 15.24 -23.74
C GLU B 228 1.93 14.92 -25.05
N GLY B 229 3.23 15.16 -25.12
CA GLY B 229 3.93 15.00 -26.37
C GLY B 229 3.79 16.12 -27.39
N ASP B 230 4.02 17.37 -26.97
CA ASP B 230 4.07 18.49 -27.91
C ASP B 230 5.11 18.33 -29.02
N ILE B 231 4.71 18.60 -30.25
CA ILE B 231 5.63 18.50 -31.37
C ILE B 231 6.46 19.77 -31.44
N THR B 232 7.78 19.65 -31.27
CA THR B 232 8.66 20.80 -31.37
C THR B 232 9.40 20.92 -32.69
N GLN B 233 9.38 19.85 -33.46
CA GLN B 233 10.18 19.79 -34.67
C GLN B 233 9.61 18.75 -35.62
N LEU B 234 9.76 19.01 -36.91
CA LEU B 234 9.34 18.04 -37.89
C LEU B 234 10.44 17.88 -38.93
N VAL B 235 10.89 16.66 -39.07
CA VAL B 235 12.04 16.35 -39.90
C VAL B 235 11.70 15.32 -40.97
N ILE B 236 12.01 15.68 -42.21
CA ILE B 236 11.79 14.82 -43.36
C ILE B 236 13.11 14.31 -43.91
N GLN B 237 13.33 13.01 -43.76
CA GLN B 237 14.60 12.38 -44.08
C GLN B 237 14.42 11.37 -45.23
N PHE B 238 15.12 11.60 -46.34
CA PHE B 238 15.07 10.67 -47.46
C PHE B 238 16.17 9.61 -47.36
N GLN B 239 15.79 8.37 -47.65
CA GLN B 239 16.73 7.24 -47.66
C GLN B 239 16.68 6.62 -49.04
N ASP B 240 17.72 5.89 -49.43
CA ASP B 240 17.71 5.01 -50.61
C ASP B 240 19.06 4.32 -50.81
N LYS B 241 19.07 3.21 -51.54
CA LYS B 241 17.86 2.45 -51.83
C LYS B 241 17.80 1.29 -50.84
N LEU B 242 18.91 1.10 -50.14
CA LEU B 242 19.07 -0.01 -49.21
C LEU B 242 18.83 0.52 -47.81
N GLY B 243 18.46 1.80 -47.71
CA GLY B 243 18.13 2.41 -46.43
C GLY B 243 19.15 3.42 -45.92
N ASN B 244 20.20 3.66 -46.71
CA ASN B 244 21.20 4.67 -46.37
C ASN B 244 20.71 6.07 -46.73
N VAL B 245 21.19 7.10 -46.01
CA VAL B 245 20.71 8.47 -46.19
C VAL B 245 21.11 9.09 -47.55
N VAL B 246 20.20 9.86 -48.13
CA VAL B 246 20.40 10.49 -49.43
C VAL B 246 19.52 11.75 -49.44
N GLU B 247 19.78 12.68 -50.35
CA GLU B 247 19.00 13.90 -50.41
C GLU B 247 17.84 13.75 -51.39
N GLY B 248 16.73 14.40 -51.03
CA GLY B 248 15.47 14.37 -51.75
C GLY B 248 15.17 15.60 -52.59
N ASN B 249 16.20 16.30 -53.05
CA ASN B 249 16.01 17.59 -53.74
C ASN B 249 14.89 17.66 -54.80
N THR B 250 14.06 18.69 -54.59
CA THR B 250 12.80 19.12 -55.25
C THR B 250 11.56 18.38 -54.73
N GLN B 251 11.75 17.30 -53.99
CA GLN B 251 10.60 16.53 -53.50
C GLN B 251 10.05 17.20 -52.25
N VAL B 252 10.96 17.65 -51.39
CA VAL B 252 10.62 18.11 -50.05
C VAL B 252 9.41 19.06 -49.96
N PRO B 253 9.28 20.02 -50.90
CA PRO B 253 8.02 20.77 -50.85
C PRO B 253 6.77 19.95 -51.12
N VAL B 254 6.81 18.97 -52.05
CA VAL B 254 5.60 18.26 -52.40
C VAL B 254 5.25 17.29 -51.28
N VAL B 255 6.24 16.96 -50.44
CA VAL B 255 5.97 16.16 -49.27
C VAL B 255 5.32 17.00 -48.13
N ARG B 256 5.90 18.17 -47.84
CA ARG B 256 5.40 19.02 -46.77
C ARG B 256 3.95 19.45 -46.97
N ARG B 257 3.52 19.50 -48.21
CA ARG B 257 2.14 19.85 -48.54
C ARG B 257 1.16 18.75 -48.11
N GLU B 258 1.66 17.52 -47.96
CA GLU B 258 0.79 16.38 -47.62
C GLU B 258 0.59 16.17 -46.13
N LEU B 259 1.30 16.93 -45.31
CA LEU B 259 1.15 16.88 -43.86
C LEU B 259 -0.08 17.65 -43.44
N PRO B 260 -0.86 17.08 -42.49
CA PRO B 260 -1.99 17.80 -41.88
C PRO B 260 -1.54 18.96 -41.00
N LYS B 261 -2.50 19.72 -40.51
CA LYS B 261 -2.23 20.85 -39.63
C LYS B 261 -1.65 20.40 -38.30
N GLN B 262 -2.04 19.22 -37.83
CA GLN B 262 -1.69 18.77 -36.48
C GLN B 262 -0.34 18.06 -36.39
N LEU B 263 0.37 17.92 -37.50
CA LEU B 263 1.68 17.29 -37.44
C LEU B 263 2.87 18.26 -37.38
N ARG B 264 2.63 19.56 -37.45
CA ARG B 264 3.75 20.50 -37.36
C ARG B 264 3.95 20.94 -35.90
N GLN B 265 4.99 21.74 -35.68
CA GLN B 265 5.35 22.08 -34.31
C GLN B 265 4.26 22.91 -33.69
N GLY B 266 4.04 22.74 -32.39
CA GLY B 266 2.99 23.48 -31.71
C GLY B 266 1.69 22.71 -31.58
N TYR B 267 1.73 21.43 -31.90
CA TYR B 267 0.53 20.60 -31.78
C TYR B 267 0.90 19.34 -31.02
N VAL B 268 -0.07 18.80 -30.30
CA VAL B 268 0.13 17.56 -29.57
C VAL B 268 0.07 16.41 -30.54
N PHE B 269 1.10 15.58 -30.55
CA PHE B 269 1.17 14.47 -31.50
C PHE B 269 0.08 13.46 -31.23
N ASN B 270 -0.61 13.11 -32.30
CA ASN B 270 -1.58 12.02 -32.29
C ASN B 270 -1.26 11.18 -33.51
N ILE B 271 -1.30 9.85 -33.36
CA ILE B 271 -0.96 8.96 -34.48
C ILE B 271 -2.01 8.97 -35.58
N GLU B 272 -3.22 9.46 -35.25
CA GLU B 272 -4.25 9.61 -36.27
C GLU B 272 -3.79 10.58 -37.33
N ALA B 273 -2.99 11.57 -36.90
CA ALA B 273 -2.46 12.55 -37.84
C ALA B 273 -1.30 11.94 -38.58
N GLY B 274 -0.67 10.95 -37.95
CA GLY B 274 0.45 10.26 -38.56
C GLY B 274 -0.15 9.42 -39.67
N LYS B 275 -1.31 8.85 -39.41
CA LYS B 275 -1.97 8.01 -40.38
C LYS B 275 -2.51 8.78 -41.58
N LYS B 276 -3.07 9.97 -41.36
CA LYS B 276 -3.58 10.77 -42.48
C LYS B 276 -2.40 11.26 -43.30
N ALA B 277 -1.31 11.57 -42.63
CA ALA B 277 -0.10 11.98 -43.33
C ALA B 277 0.40 10.85 -44.21
N LEU B 278 0.37 9.64 -43.66
CA LEU B 278 0.83 8.46 -44.36
C LEU B 278 -0.06 8.23 -45.59
N SER B 279 -1.35 8.48 -45.45
CA SER B 279 -2.31 8.33 -46.54
C SER B 279 -2.05 9.32 -47.67
N ASN B 280 -1.73 10.54 -47.30
CA ASN B 280 -1.50 11.58 -48.27
C ASN B 280 -0.26 11.34 -49.10
N ILE B 281 0.86 11.02 -48.45
CA ILE B 281 2.11 10.85 -49.14
C ILE B 281 2.06 9.62 -50.06
N ASN B 282 1.45 8.54 -49.57
CA ASN B 282 1.21 7.35 -50.37
C ASN B 282 0.53 7.69 -51.70
N SER B 283 -0.54 8.48 -51.62
CA SER B 283 -1.39 8.73 -52.78
C SER B 283 -0.61 9.46 -53.90
N LEU B 284 0.58 9.96 -53.57
CA LEU B 284 1.44 10.59 -54.56
C LEU B 284 2.13 9.53 -55.47
N GLY B 285 2.34 8.33 -54.93
CA GLY B 285 2.90 7.23 -55.69
C GLY B 285 4.40 7.31 -55.88
N LEU B 286 5.04 8.12 -55.04
CA LEU B 286 6.44 8.45 -55.22
C LEU B 286 7.41 7.55 -54.45
N PHE B 287 6.92 6.73 -53.55
CA PHE B 287 7.80 6.08 -52.58
C PHE B 287 7.52 4.59 -52.38
N SER B 288 8.60 3.84 -52.17
CA SER B 288 8.50 2.43 -51.83
C SER B 288 8.21 2.22 -50.34
N ASN B 289 8.73 3.10 -49.48
CA ASN B 289 8.56 2.97 -48.03
C ASN B 289 8.39 4.30 -47.30
N ILE B 290 7.43 4.38 -46.39
CA ILE B 290 7.11 5.64 -45.71
C ILE B 290 6.88 5.43 -44.20
N GLU B 291 7.53 6.25 -43.38
CA GLU B 291 7.47 6.09 -41.93
C GLU B 291 7.12 7.39 -41.21
N VAL B 292 6.23 7.32 -40.21
CA VAL B 292 6.04 8.48 -39.34
C VAL B 292 6.36 8.08 -37.90
N ASN B 293 7.51 8.49 -37.41
CA ASN B 293 7.95 8.06 -36.09
C ASN B 293 8.21 9.23 -35.17
N PRO B 294 7.47 9.31 -34.06
CA PRO B 294 7.78 10.33 -33.06
C PRO B 294 8.98 9.93 -32.22
N ARG B 295 9.80 10.91 -31.87
CA ARG B 295 10.83 10.68 -30.87
C ARG B 295 11.06 11.91 -30.00
N PRO B 296 11.47 11.68 -28.74
CA PRO B 296 11.75 12.80 -27.84
C PRO B 296 12.90 13.65 -28.37
N ASP B 297 12.77 14.96 -28.27
CA ASP B 297 13.73 15.89 -28.88
C ASP B 297 14.96 16.20 -28.03
N GLU B 298 15.12 15.47 -26.93
CA GLU B 298 16.27 15.61 -26.02
C GLU B 298 16.34 16.91 -25.20
N LYS B 299 15.44 17.86 -25.47
CA LYS B 299 15.40 19.10 -24.68
C LYS B 299 14.86 18.76 -23.30
N ASN B 300 14.23 17.57 -23.24
CA ASN B 300 13.64 16.94 -22.04
C ASN B 300 12.50 17.67 -21.37
N GLU B 301 11.82 18.54 -22.11
CA GLU B 301 10.66 19.22 -21.57
C GLU B 301 9.39 18.47 -22.04
N GLY B 302 9.60 17.34 -22.69
CA GLY B 302 8.51 16.49 -23.15
C GLY B 302 8.20 16.72 -24.62
N GLY B 303 9.07 17.48 -25.28
CA GLY B 303 8.84 17.86 -26.65
C GLY B 303 9.20 16.75 -27.61
N ILE B 304 8.49 16.71 -28.73
CA ILE B 304 8.65 15.60 -29.67
C ILE B 304 9.12 16.05 -31.05
N ILE B 305 10.10 15.31 -31.59
CA ILE B 305 10.49 15.40 -32.99
C ILE B 305 9.65 14.40 -33.76
N VAL B 306 8.87 14.86 -34.73
CA VAL B 306 8.18 13.93 -35.62
C VAL B 306 9.02 13.68 -36.85
N GLU B 307 9.51 12.46 -36.99
CA GLU B 307 10.41 12.11 -38.07
C GLU B 307 9.66 11.36 -39.15
N ILE B 308 9.87 11.78 -40.39
CA ILE B 308 9.25 11.13 -41.54
C ILE B 308 10.32 10.57 -42.43
N LYS B 309 10.37 9.24 -42.49
CA LYS B 309 11.37 8.53 -43.28
C LYS B 309 10.76 8.08 -44.59
N LEU B 310 11.47 8.38 -45.67
CA LEU B 310 10.99 8.03 -46.99
C LEU B 310 12.08 7.34 -47.81
N LYS B 311 11.72 6.22 -48.45
CA LYS B 311 12.60 5.53 -49.37
C LYS B 311 11.96 5.59 -50.74
N GLU B 312 12.74 5.99 -51.74
CA GLU B 312 12.20 6.25 -53.08
C GLU B 312 11.99 4.95 -53.85
N LEU B 313 11.50 5.06 -55.09
CA LEU B 313 11.22 3.88 -55.91
C LEU B 313 12.38 3.44 -56.82
N GLU B 314 12.74 4.29 -57.78
CA GLU B 314 13.80 3.97 -58.73
C GLU B 314 15.18 3.86 -58.07
#